data_8OGU
#
_entry.id   8OGU
#
_cell.length_a   118.880
_cell.length_b   39.070
_cell.length_c   68.110
_cell.angle_alpha   90.000
_cell.angle_beta   95.310
_cell.angle_gamma   90.000
#
_symmetry.space_group_name_H-M   'C 1 2 1'
#
loop_
_entity.id
_entity.type
_entity.pdbx_description
1 polymer 'Cyclic di-AMP synthase CdaA'
2 non-polymer 3,4-dihydro-1~{H}-quinolin-2-one
3 non-polymer 'MAGNESIUM ION'
4 water water
#
_entity_poly.entity_id   1
_entity_poly.type   'polypeptide(L)'
_entity_poly.pdbx_seq_one_letter_code
;GPTPVEEAQQKTIEAITKAINYMAKRRIGALLTIERDTGMGDYIETGIPLNAKVSSELLINIFIPNTPLHDGAVIMKNNE
IAAAACYLPLSESPFISKELGTRHRAAVGISEVTDSLTIIVSEETGGVSVAKNGDLHRELTEEALKEMLEAEFK
;
_entity_poly.pdbx_strand_id   A,B
#
loop_
_chem_comp.id
_chem_comp.type
_chem_comp.name
_chem_comp.formula
MG non-polymer 'MAGNESIUM ION' 'Mg 2'
VN9 non-polymer 3,4-dihydro-1~{H}-quinolin-2-one 'C9 H9 N O'
#
# COMPACT_ATOMS: atom_id res chain seq x y z
N PRO A 2 -25.08 -0.36 -16.88
CA PRO A 2 -23.67 -0.02 -17.10
C PRO A 2 -22.85 -1.15 -17.73
N THR A 3 -21.77 -0.80 -18.41
CA THR A 3 -20.83 -1.73 -19.01
C THR A 3 -19.69 -2.01 -18.04
N PRO A 4 -18.92 -3.08 -18.28
CA PRO A 4 -17.80 -3.38 -17.37
C PRO A 4 -16.83 -2.21 -17.18
N VAL A 5 -16.46 -1.53 -18.27
CA VAL A 5 -15.55 -0.39 -18.17
C VAL A 5 -16.18 0.73 -17.36
N GLU A 6 -17.47 0.99 -17.57
CA GLU A 6 -18.15 2.04 -16.83
C GLU A 6 -18.25 1.68 -15.34
N GLU A 7 -18.58 0.42 -15.05
CA GLU A 7 -18.64 0.00 -13.65
C GLU A 7 -17.28 0.13 -12.98
N ALA A 8 -16.20 -0.18 -13.70
CA ALA A 8 -14.87 -0.10 -13.11
C ALA A 8 -14.49 1.35 -12.83
N GLN A 9 -14.83 2.26 -13.74
CA GLN A 9 -14.52 3.67 -13.54
C GLN A 9 -15.26 4.22 -12.32
N GLN A 10 -16.53 3.84 -12.16
CA GLN A 10 -17.27 4.33 -11.00
C GLN A 10 -16.72 3.76 -9.70
N LYS A 11 -16.32 2.48 -9.71
CA LYS A 11 -15.72 1.88 -8.53
C LYS A 11 -14.46 2.63 -8.12
N THR A 12 -13.64 3.00 -9.09
CA THR A 12 -12.42 3.74 -8.81
C THR A 12 -12.72 5.14 -8.27
N ILE A 13 -13.71 5.82 -8.85
CA ILE A 13 -14.11 7.11 -8.34
C ILE A 13 -14.56 6.99 -6.89
N GLU A 14 -15.35 5.96 -6.58
CA GLU A 14 -15.85 5.78 -5.22
C GLU A 14 -14.70 5.50 -4.25
N ALA A 15 -13.71 4.72 -4.69
CA ALA A 15 -12.57 4.43 -3.84
C ALA A 15 -11.76 5.69 -3.56
N ILE A 16 -11.56 6.51 -4.58
CA ILE A 16 -10.83 7.76 -4.40
C ILE A 16 -11.57 8.67 -3.44
N THR A 17 -12.87 8.87 -3.66
CA THR A 17 -13.61 9.83 -2.83
C THR A 17 -13.63 9.36 -1.37
N LYS A 18 -13.75 8.05 -1.14
CA LYS A 18 -13.74 7.55 0.23
C LYS A 18 -12.40 7.81 0.89
N ALA A 19 -11.31 7.59 0.17
CA ALA A 19 -9.99 7.83 0.74
C ALA A 19 -9.76 9.32 1.00
N ILE A 20 -10.15 10.17 0.04
CA ILE A 20 -10.02 11.62 0.22
C ILE A 20 -10.82 12.06 1.43
N ASN A 21 -12.04 11.54 1.59
CA ASN A 21 -12.86 11.94 2.73
C ASN A 21 -12.17 11.63 4.05
N TYR A 22 -11.58 10.44 4.16
N TYR A 22 -11.59 10.45 4.18
CA TYR A 22 -10.88 10.04 5.38
CA TYR A 22 -10.90 10.11 5.41
C TYR A 22 -9.70 10.96 5.66
C TYR A 22 -9.73 11.03 5.66
N MET A 23 -8.93 11.28 4.63
CA MET A 23 -7.74 12.09 4.80
C MET A 23 -8.11 13.55 5.10
N ALA A 24 -9.19 14.04 4.48
CA ALA A 24 -9.64 15.39 4.80
C ALA A 24 -10.03 15.51 6.26
N LYS A 25 -10.76 14.52 6.77
CA LYS A 25 -11.21 14.54 8.17
C LYS A 25 -10.03 14.54 9.14
N ARG A 26 -8.96 13.84 8.81
CA ARG A 26 -7.81 13.72 9.69
C ARG A 26 -6.69 14.70 9.35
N ARG A 27 -6.89 15.54 8.32
CA ARG A 27 -5.87 16.49 7.88
C ARG A 27 -4.56 15.78 7.58
N ILE A 28 -4.68 14.73 6.78
CA ILE A 28 -3.53 13.99 6.25
C ILE A 28 -3.22 14.57 4.88
N GLY A 29 -2.02 15.11 4.73
CA GLY A 29 -1.61 15.62 3.43
C GLY A 29 -1.53 14.51 2.40
N ALA A 30 -2.05 14.80 1.20
CA ALA A 30 -2.04 13.80 0.14
C ALA A 30 -1.96 14.47 -1.22
N LEU A 31 -1.40 13.73 -2.18
CA LEU A 31 -1.16 14.21 -3.53
C LEU A 31 -1.38 13.01 -4.46
N LEU A 32 -2.42 13.09 -5.28
CA LEU A 32 -2.88 11.96 -6.10
C LEU A 32 -3.13 12.47 -7.52
N THR A 33 -2.28 12.05 -8.45
CA THR A 33 -2.36 12.48 -9.83
C THR A 33 -2.88 11.33 -10.68
N ILE A 34 -3.88 11.62 -11.51
CA ILE A 34 -4.47 10.65 -12.41
C ILE A 34 -3.98 10.97 -13.81
N GLU A 35 -3.17 10.08 -14.37
CA GLU A 35 -2.67 10.26 -15.72
C GLU A 35 -3.83 10.22 -16.71
N ARG A 36 -3.76 11.08 -17.73
CA ARG A 36 -4.73 11.06 -18.82
C ARG A 36 -4.03 10.83 -20.15
N ASP A 37 -4.27 11.67 -21.16
CA ASP A 37 -3.67 11.42 -22.47
C ASP A 37 -2.18 11.68 -22.48
N THR A 38 -1.69 12.63 -21.70
CA THR A 38 -0.26 12.90 -21.66
C THR A 38 0.42 11.86 -20.79
N GLY A 39 1.36 11.12 -21.37
CA GLY A 39 2.05 10.08 -20.62
C GLY A 39 2.93 10.69 -19.54
N MET A 40 2.92 10.06 -18.36
CA MET A 40 3.76 10.49 -17.23
C MET A 40 4.72 9.42 -16.76
N GLY A 41 5.19 8.57 -17.67
CA GLY A 41 6.14 7.55 -17.29
C GLY A 41 7.37 8.10 -16.61
N ASP A 42 7.87 9.23 -17.07
CA ASP A 42 9.08 9.80 -16.48
C ASP A 42 8.88 10.15 -15.01
N TYR A 43 7.68 10.56 -14.62
CA TYR A 43 7.41 10.86 -13.23
C TYR A 43 7.08 9.58 -12.45
N ILE A 44 6.36 8.65 -13.07
CA ILE A 44 6.07 7.38 -12.42
C ILE A 44 7.36 6.69 -12.00
N GLU A 45 8.38 6.75 -12.85
CA GLU A 45 9.64 6.06 -12.61
C GLU A 45 10.44 6.65 -11.46
N THR A 46 10.11 7.85 -10.99
CA THR A 46 10.81 8.42 -9.84
C THR A 46 10.30 7.85 -8.52
N GLY A 47 9.17 7.16 -8.51
CA GLY A 47 8.57 6.66 -7.29
C GLY A 47 8.84 5.18 -7.06
N ILE A 48 8.12 4.64 -6.08
CA ILE A 48 8.17 3.23 -5.74
C ILE A 48 7.12 2.51 -6.57
N PRO A 49 7.50 1.54 -7.41
CA PRO A 49 6.49 0.85 -8.23
C PRO A 49 5.51 0.03 -7.39
N LEU A 50 4.23 0.15 -7.73
CA LEU A 50 3.19 -0.66 -7.11
C LEU A 50 2.38 -1.45 -8.13
N ASN A 51 1.94 -0.80 -9.21
CA ASN A 51 1.02 -1.39 -10.17
C ASN A 51 -0.08 -2.16 -9.44
N ALA A 52 -0.74 -1.47 -8.51
CA ALA A 52 -1.68 -2.10 -7.59
C ALA A 52 -3.12 -1.77 -7.95
N LYS A 53 -4.01 -2.70 -7.61
CA LYS A 53 -5.44 -2.42 -7.71
C LYS A 53 -5.78 -1.25 -6.80
N VAL A 54 -6.67 -0.37 -7.27
CA VAL A 54 -7.13 0.73 -6.45
C VAL A 54 -8.04 0.20 -5.36
N SER A 55 -7.87 0.73 -4.15
CA SER A 55 -8.86 0.56 -3.09
C SER A 55 -8.74 1.79 -2.21
N SER A 56 -9.84 2.16 -1.55
CA SER A 56 -9.75 3.24 -0.57
C SER A 56 -8.75 2.88 0.53
N GLU A 57 -8.72 1.62 0.92
CA GLU A 57 -7.84 1.17 1.99
C GLU A 57 -6.37 1.39 1.64
N LEU A 58 -5.97 0.97 0.44
CA LEU A 58 -4.58 1.15 0.06
C LEU A 58 -4.23 2.62 -0.08
N LEU A 59 -5.12 3.43 -0.67
CA LEU A 59 -4.85 4.85 -0.77
C LEU A 59 -4.62 5.46 0.61
N ILE A 60 -5.47 5.12 1.58
CA ILE A 60 -5.30 5.64 2.94
C ILE A 60 -3.98 5.17 3.52
N ASN A 61 -3.67 3.87 3.40
CA ASN A 61 -2.46 3.35 3.99
C ASN A 61 -1.21 4.00 3.41
N ILE A 62 -1.25 4.36 2.11
CA ILE A 62 -0.07 4.98 1.49
C ILE A 62 0.25 6.31 2.14
N PHE A 63 -0.76 7.12 2.44
CA PHE A 63 -0.53 8.51 2.83
C PHE A 63 -0.39 8.72 4.33
N ILE A 64 -0.41 7.67 5.14
CA ILE A 64 -0.29 7.89 6.58
C ILE A 64 0.99 8.66 6.86
N PRO A 65 0.96 9.75 7.64
CA PRO A 65 2.18 10.52 7.85
C PRO A 65 3.29 9.73 8.54
N ASN A 66 4.53 10.10 8.22
CA ASN A 66 5.71 9.49 8.81
C ASN A 66 5.82 8.01 8.45
N THR A 67 5.49 7.66 7.22
CA THR A 67 5.64 6.31 6.70
C THR A 67 6.47 6.37 5.44
N PRO A 68 6.99 5.23 4.97
CA PRO A 68 7.83 5.27 3.77
C PRO A 68 7.17 5.89 2.55
N LEU A 69 5.89 5.63 2.32
CA LEU A 69 5.28 5.97 1.04
C LEU A 69 4.56 7.30 1.03
N HIS A 70 4.48 8.00 2.16
CA HIS A 70 3.60 9.17 2.22
C HIS A 70 4.20 10.41 1.56
N ASP A 71 5.51 10.45 1.37
CA ASP A 71 6.19 11.63 0.84
C ASP A 71 6.24 11.55 -0.68
N GLY A 72 5.50 12.41 -1.34
CA GLY A 72 5.44 12.45 -2.79
C GLY A 72 4.06 12.10 -3.28
N ALA A 73 3.95 11.96 -4.60
CA ALA A 73 2.67 11.77 -5.25
C ALA A 73 2.40 10.30 -5.54
N VAL A 74 1.15 9.90 -5.36
CA VAL A 74 0.64 8.70 -6.01
C VAL A 74 0.25 9.07 -7.44
N ILE A 75 0.62 8.23 -8.40
CA ILE A 75 0.21 8.43 -9.79
C ILE A 75 -0.61 7.21 -10.20
N MET A 76 -1.84 7.45 -10.66
CA MET A 76 -2.71 6.42 -11.18
C MET A 76 -2.66 6.41 -12.69
N LYS A 77 -2.80 5.22 -13.26
CA LYS A 77 -2.73 5.01 -14.70
C LYS A 77 -3.49 3.74 -15.00
N ASN A 78 -4.36 3.77 -16.02
CA ASN A 78 -5.11 2.60 -16.45
C ASN A 78 -5.82 1.90 -15.28
N ASN A 79 -6.41 2.70 -14.39
CA ASN A 79 -7.27 2.21 -13.32
C ASN A 79 -6.48 1.47 -12.25
N GLU A 80 -5.20 1.75 -12.13
CA GLU A 80 -4.34 1.15 -11.13
C GLU A 80 -3.48 2.24 -10.52
N ILE A 81 -2.94 1.94 -9.35
CA ILE A 81 -1.94 2.79 -8.71
C ILE A 81 -0.58 2.37 -9.27
N ALA A 82 -0.02 3.21 -10.14
CA ALA A 82 1.24 2.84 -10.81
C ALA A 82 2.41 2.90 -9.84
N ALA A 83 2.51 3.99 -9.08
CA ALA A 83 3.61 4.17 -8.15
C ALA A 83 3.21 5.17 -7.08
N ALA A 84 3.96 5.14 -5.97
CA ALA A 84 3.78 6.10 -4.89
C ALA A 84 5.10 6.80 -4.63
N ALA A 85 5.04 7.89 -3.86
CA ALA A 85 6.24 8.64 -3.50
C ALA A 85 6.95 9.18 -4.73
N CYS A 86 6.18 9.62 -5.70
CA CYS A 86 6.73 10.14 -6.95
C CYS A 86 7.03 11.63 -6.85
N TYR A 87 8.04 12.03 -7.61
CA TYR A 87 8.37 13.43 -7.79
C TYR A 87 7.42 14.04 -8.81
N LEU A 88 6.95 15.25 -8.52
CA LEU A 88 6.25 16.10 -9.47
C LEU A 88 6.95 17.45 -9.50
N PRO A 89 6.93 18.14 -10.63
CA PRO A 89 7.63 19.43 -10.71
C PRO A 89 6.87 20.54 -9.99
N LEU A 90 7.62 21.39 -9.30
CA LEU A 90 6.99 22.49 -8.55
C LEU A 90 6.67 23.64 -9.51
N SER A 91 5.43 24.11 -9.47
CA SER A 91 5.04 25.28 -10.23
C SER A 91 5.77 26.52 -9.73
N GLU A 92 6.10 27.40 -10.67
CA GLU A 92 6.61 28.73 -10.38
C GLU A 92 5.52 29.80 -10.57
N SER A 93 4.28 29.39 -10.67
CA SER A 93 3.19 30.34 -10.92
C SER A 93 3.06 31.31 -9.75
N PRO A 94 3.04 32.62 -9.99
CA PRO A 94 2.84 33.56 -8.88
C PRO A 94 1.38 33.70 -8.46
N PHE A 95 0.47 32.93 -9.05
CA PHE A 95 -0.96 33.08 -8.85
C PHE A 95 -1.57 31.95 -8.01
N ILE A 96 -0.74 31.19 -7.32
CA ILE A 96 -1.20 30.23 -6.34
C ILE A 96 -1.29 30.93 -5.00
N SER A 97 -2.34 30.63 -4.24
CA SER A 97 -2.51 31.22 -2.92
C SER A 97 -1.24 31.08 -2.10
N LYS A 98 -0.79 32.19 -1.50
CA LYS A 98 0.52 32.21 -0.86
C LYS A 98 0.58 31.38 0.41
N GLU A 99 -0.57 31.03 0.99
CA GLU A 99 -0.54 30.21 2.19
C GLU A 99 -0.28 28.74 1.89
N LEU A 100 -0.33 28.33 0.63
CA LEU A 100 -0.16 26.93 0.26
C LEU A 100 1.31 26.60 0.05
N GLY A 101 1.65 25.33 0.31
CA GLY A 101 3.00 24.88 0.29
C GLY A 101 3.33 24.03 -0.91
N THR A 102 4.38 23.21 -0.76
CA THR A 102 4.97 22.52 -1.90
C THR A 102 4.04 21.45 -2.48
N ARG A 103 3.18 20.87 -1.66
CA ARG A 103 2.22 19.88 -2.15
C ARG A 103 1.33 20.47 -3.23
N HIS A 104 0.75 21.63 -2.96
CA HIS A 104 -0.10 22.27 -3.95
C HIS A 104 0.71 22.78 -5.13
N ARG A 105 1.93 23.26 -4.88
CA ARG A 105 2.76 23.72 -5.99
C ARG A 105 3.16 22.57 -6.90
N ALA A 106 3.40 21.38 -6.34
CA ALA A 106 3.72 20.22 -7.16
C ALA A 106 2.51 19.81 -8.01
N ALA A 107 1.31 19.84 -7.42
CA ALA A 107 0.12 19.51 -8.19
C ALA A 107 -0.09 20.47 -9.34
N VAL A 108 0.02 21.78 -9.07
CA VAL A 108 -0.12 22.75 -10.14
C VAL A 108 0.97 22.55 -11.19
N GLY A 109 2.18 22.26 -10.74
CA GLY A 109 3.29 22.09 -11.66
C GLY A 109 3.08 20.96 -12.66
N ILE A 110 2.65 19.79 -12.18
CA ILE A 110 2.39 18.70 -13.12
C ILE A 110 1.22 19.06 -14.04
N SER A 111 0.24 19.81 -13.52
CA SER A 111 -0.91 20.19 -14.33
C SER A 111 -0.55 21.21 -15.40
N GLU A 112 0.60 21.87 -15.29
CA GLU A 112 1.05 22.81 -16.31
C GLU A 112 1.63 22.15 -17.54
N VAL A 113 2.10 20.91 -17.42
CA VAL A 113 2.81 20.23 -18.48
C VAL A 113 2.14 18.91 -18.87
N THR A 114 0.94 18.65 -18.36
CA THR A 114 0.19 17.45 -18.70
C THR A 114 -1.29 17.80 -18.65
N ASP A 115 -2.12 16.90 -19.18
CA ASP A 115 -3.57 17.02 -19.04
C ASP A 115 -4.10 16.22 -17.86
N SER A 116 -3.24 15.90 -16.90
CA SER A 116 -3.65 15.09 -15.77
C SER A 116 -4.53 15.89 -14.82
N LEU A 117 -5.19 15.16 -13.94
CA LEU A 117 -5.96 15.73 -12.84
C LEU A 117 -5.31 15.31 -11.54
N THR A 118 -4.99 16.27 -10.70
CA THR A 118 -4.35 16.00 -9.42
C THR A 118 -5.26 16.44 -8.28
N ILE A 119 -5.43 15.56 -7.29
CA ILE A 119 -6.16 15.88 -6.08
C ILE A 119 -5.16 16.14 -4.97
N ILE A 120 -5.41 17.18 -4.17
CA ILE A 120 -4.56 17.52 -3.04
C ILE A 120 -5.43 17.61 -1.80
N VAL A 121 -4.97 16.99 -0.71
CA VAL A 121 -5.51 17.24 0.62
C VAL A 121 -4.47 18.02 1.41
N SER A 122 -4.89 19.15 1.99
CA SER A 122 -4.01 19.95 2.81
C SER A 122 -3.82 19.35 4.20
N GLU A 123 -2.57 19.22 4.62
CA GLU A 123 -2.30 18.82 5.99
C GLU A 123 -2.57 19.92 6.99
N GLU A 124 -2.69 21.17 6.53
CA GLU A 124 -2.95 22.25 7.48
C GLU A 124 -4.44 22.36 7.79
N THR A 125 -5.30 22.18 6.79
CA THR A 125 -6.72 22.43 6.95
C THR A 125 -7.60 21.23 6.63
N GLY A 126 -7.05 20.21 5.97
CA GLY A 126 -7.89 19.15 5.44
C GLY A 126 -8.70 19.57 4.22
N GLY A 127 -8.47 20.77 3.70
CA GLY A 127 -9.17 21.19 2.50
C GLY A 127 -8.76 20.36 1.30
N VAL A 128 -9.71 20.17 0.39
CA VAL A 128 -9.51 19.36 -0.79
C VAL A 128 -9.48 20.28 -2.01
N SER A 129 -8.50 20.08 -2.88
CA SER A 129 -8.39 20.89 -4.09
C SER A 129 -7.96 20.00 -5.25
N VAL A 130 -8.12 20.53 -6.45
CA VAL A 130 -7.79 19.82 -7.68
C VAL A 130 -7.02 20.76 -8.59
N ALA A 131 -5.91 20.26 -9.15
CA ALA A 131 -5.11 21.01 -10.10
C ALA A 131 -5.32 20.41 -11.49
N LYS A 132 -5.60 21.28 -12.45
CA LYS A 132 -5.73 20.91 -13.84
C LYS A 132 -5.46 22.13 -14.69
N ASN A 133 -4.69 21.94 -15.77
CA ASN A 133 -4.46 22.99 -16.77
C ASN A 133 -3.71 24.19 -16.20
N GLY A 134 -2.98 24.01 -15.11
CA GLY A 134 -2.27 25.10 -14.49
C GLY A 134 -3.03 25.86 -13.43
N ASP A 135 -4.27 25.49 -13.16
CA ASP A 135 -5.08 26.15 -12.15
C ASP A 135 -5.42 25.21 -11.02
N LEU A 136 -5.58 25.81 -9.84
CA LEU A 136 -5.93 25.10 -8.62
C LEU A 136 -7.35 25.50 -8.22
N HIS A 137 -8.20 24.50 -8.05
CA HIS A 137 -9.59 24.67 -7.65
C HIS A 137 -9.71 24.26 -6.21
N ARG A 138 -9.91 25.24 -5.34
CA ARG A 138 -9.79 25.05 -3.90
C ARG A 138 -11.13 24.84 -3.23
N GLU A 139 -11.06 24.32 -2.01
CA GLU A 139 -12.22 24.27 -1.11
C GLU A 139 -13.40 23.54 -1.73
N LEU A 140 -13.09 22.36 -2.24
CA LEU A 140 -14.08 21.54 -2.89
C LEU A 140 -14.89 20.74 -1.87
N THR A 141 -16.18 20.61 -2.14
CA THR A 141 -17.03 19.67 -1.44
C THR A 141 -16.85 18.28 -2.05
N GLU A 142 -17.40 17.27 -1.36
CA GLU A 142 -17.39 15.93 -1.91
C GLU A 142 -18.10 15.88 -3.27
N GLU A 143 -19.25 16.55 -3.37
CA GLU A 143 -19.99 16.58 -4.62
C GLU A 143 -19.18 17.22 -5.73
N ALA A 144 -18.44 18.29 -5.41
CA ALA A 144 -17.65 18.96 -6.42
C ALA A 144 -16.51 18.09 -6.92
N LEU A 145 -15.81 17.39 -6.02
CA LEU A 145 -14.77 16.49 -6.46
C LEU A 145 -15.33 15.38 -7.34
N LYS A 146 -16.45 14.79 -6.92
CA LYS A 146 -17.06 13.74 -7.73
C LYS A 146 -17.39 14.24 -9.13
N GLU A 147 -17.92 15.46 -9.22
CA GLU A 147 -18.26 16.01 -10.53
C GLU A 147 -17.01 16.14 -11.40
N MET A 148 -15.90 16.59 -10.80
CA MET A 148 -14.66 16.71 -11.58
C MET A 148 -14.15 15.37 -12.03
N LEU A 149 -14.21 14.36 -11.16
CA LEU A 149 -13.75 13.04 -11.55
C LEU A 149 -14.63 12.46 -12.66
N GLU A 150 -15.95 12.66 -12.57
CA GLU A 150 -16.84 12.15 -13.61
C GLU A 150 -16.65 12.90 -14.91
N ALA A 151 -16.44 14.21 -14.84
CA ALA A 151 -16.18 14.99 -16.06
C ALA A 151 -14.89 14.54 -16.72
N GLU A 152 -13.86 14.29 -15.91
CA GLU A 152 -12.56 13.90 -16.45
C GLU A 152 -12.63 12.59 -17.20
N PHE A 153 -13.37 11.61 -16.68
CA PHE A 153 -13.44 10.29 -17.28
C PHE A 153 -14.50 10.17 -18.37
N LYS A 154 -15.26 11.23 -18.62
CA LYS A 154 -16.33 11.16 -19.61
C LYS A 154 -15.79 11.55 -20.99
N PRO B 2 23.04 -15.02 -12.60
CA PRO B 2 21.87 -15.62 -11.99
C PRO B 2 20.69 -15.38 -12.94
N THR B 3 19.69 -16.25 -12.99
CA THR B 3 18.59 -16.03 -13.90
C THR B 3 17.74 -14.85 -13.42
N PRO B 4 16.95 -14.26 -14.31
CA PRO B 4 16.00 -13.22 -13.87
C PRO B 4 15.10 -13.69 -12.74
N VAL B 5 14.61 -14.94 -12.83
CA VAL B 5 13.78 -15.48 -11.75
C VAL B 5 14.55 -15.45 -10.42
N GLU B 6 15.82 -15.85 -10.45
CA GLU B 6 16.60 -15.88 -9.22
C GLU B 6 16.89 -14.47 -8.71
N GLU B 7 17.17 -13.53 -9.62
CA GLU B 7 17.39 -12.15 -9.21
C GLU B 7 16.11 -11.55 -8.63
N ALA B 8 14.96 -11.85 -9.24
CA ALA B 8 13.70 -11.35 -8.69
C ALA B 8 13.45 -11.91 -7.30
N GLN B 9 13.77 -13.20 -7.09
CA GLN B 9 13.59 -13.78 -5.77
C GLN B 9 14.47 -13.09 -4.74
N GLN B 10 15.71 -12.77 -5.11
CA GLN B 10 16.62 -12.11 -4.18
C GLN B 10 16.11 -10.73 -3.81
N LYS B 11 15.57 -9.99 -4.79
CA LYS B 11 15.01 -8.68 -4.50
C LYS B 11 13.81 -8.78 -3.57
N THR B 12 12.96 -9.80 -3.75
CA THR B 12 11.78 -9.95 -2.88
C THR B 12 12.22 -10.32 -1.47
N ILE B 13 13.21 -11.20 -1.34
CA ILE B 13 13.75 -11.53 -0.02
C ILE B 13 14.33 -10.29 0.66
N GLU B 14 15.08 -9.49 -0.09
CA GLU B 14 15.63 -8.26 0.48
C GLU B 14 14.51 -7.33 0.93
N ALA B 15 13.46 -7.19 0.14
CA ALA B 15 12.35 -6.32 0.53
C ALA B 15 11.69 -6.83 1.79
N ILE B 16 11.44 -8.14 1.87
CA ILE B 16 10.76 -8.71 3.03
C ILE B 16 11.61 -8.50 4.28
N THR B 17 12.90 -8.84 4.21
CA THR B 17 13.74 -8.74 5.41
C THR B 17 13.87 -7.30 5.87
N LYS B 18 14.04 -6.36 4.93
CA LYS B 18 14.12 -4.96 5.32
C LYS B 18 12.86 -4.51 6.04
N ALA B 19 11.69 -4.95 5.55
CA ALA B 19 10.43 -4.56 6.17
C ALA B 19 10.28 -5.20 7.56
N ILE B 20 10.61 -6.49 7.67
CA ILE B 20 10.47 -7.17 8.95
C ILE B 20 11.39 -6.53 9.98
N ASN B 21 12.63 -6.20 9.58
CA ASN B 21 13.56 -5.56 10.50
C ASN B 21 13.04 -4.20 10.97
N TYR B 22 12.50 -3.41 10.06
CA TYR B 22 11.93 -2.10 10.41
C TYR B 22 10.78 -2.26 11.40
N MET B 23 9.93 -3.26 11.19
CA MET B 23 8.75 -3.41 12.01
C MET B 23 9.11 -3.99 13.38
N ALA B 24 10.05 -4.92 13.42
CA ALA B 24 10.45 -5.50 14.70
C ALA B 24 10.99 -4.44 15.64
N LYS B 25 11.86 -3.55 15.12
CA LYS B 25 12.45 -2.51 15.95
C LYS B 25 11.38 -1.57 16.52
N ARG B 26 10.28 -1.37 15.81
CA ARG B 26 9.24 -0.44 16.25
C ARG B 26 8.05 -1.15 16.87
N ARG B 27 8.13 -2.47 17.08
CA ARG B 27 7.04 -3.23 17.68
C ARG B 27 5.75 -3.06 16.87
N ILE B 28 5.89 -3.08 15.55
CA ILE B 28 4.75 -3.08 14.63
C ILE B 28 4.39 -4.52 14.37
N GLY B 29 3.23 -4.95 14.85
CA GLY B 29 2.79 -6.30 14.61
C GLY B 29 2.58 -6.55 13.14
N ALA B 30 2.98 -7.73 12.68
CA ALA B 30 2.87 -8.07 11.27
C ALA B 30 2.67 -9.56 11.10
N LEU B 31 1.99 -9.91 10.01
CA LEU B 31 1.62 -11.28 9.70
C LEU B 31 1.69 -11.40 8.18
N LEU B 32 2.68 -12.14 7.69
CA LEU B 32 3.01 -12.16 6.26
C LEU B 32 3.20 -13.62 5.84
N THR B 33 2.28 -14.11 5.03
CA THR B 33 2.30 -15.47 4.55
C THR B 33 2.77 -15.48 3.09
N ILE B 34 3.76 -16.32 2.81
CA ILE B 34 4.30 -16.50 1.47
C ILE B 34 3.73 -17.80 0.92
N GLU B 35 2.87 -17.70 -0.09
CA GLU B 35 2.32 -18.87 -0.73
C GLU B 35 3.43 -19.68 -1.39
N ARG B 36 3.34 -21.01 -1.30
CA ARG B 36 4.28 -21.89 -1.95
C ARG B 36 3.51 -22.73 -2.96
N ASP B 37 3.59 -24.06 -2.87
CA ASP B 37 2.96 -24.89 -3.88
C ASP B 37 1.50 -25.19 -3.61
N THR B 38 1.05 -25.07 -2.36
CA THR B 38 -0.37 -25.19 -2.04
C THR B 38 -1.02 -23.84 -2.25
N GLY B 39 -1.98 -23.79 -3.18
CA GLY B 39 -2.61 -22.52 -3.51
C GLY B 39 -3.45 -21.99 -2.37
N MET B 40 -3.41 -20.67 -2.18
CA MET B 40 -4.07 -20.02 -1.05
C MET B 40 -5.19 -19.11 -1.52
N GLY B 41 -5.75 -19.37 -2.70
CA GLY B 41 -6.76 -18.51 -3.25
C GLY B 41 -7.92 -18.24 -2.32
N ASP B 42 -8.38 -19.28 -1.61
CA ASP B 42 -9.52 -19.11 -0.74
C ASP B 42 -9.25 -18.05 0.32
N TYR B 43 -8.02 -17.97 0.80
CA TYR B 43 -7.68 -17.01 1.83
C TYR B 43 -7.36 -15.64 1.25
N ILE B 44 -6.70 -15.61 0.09
CA ILE B 44 -6.46 -14.34 -0.60
C ILE B 44 -7.76 -13.61 -0.85
N GLU B 45 -8.80 -14.35 -1.25
CA GLU B 45 -10.08 -13.76 -1.60
C GLU B 45 -10.82 -13.17 -0.40
N THR B 46 -10.39 -13.46 0.84
CA THR B 46 -11.01 -12.86 2.00
C THR B 46 -10.49 -11.46 2.30
N GLY B 47 -9.38 -11.04 1.68
CA GLY B 47 -8.75 -9.78 1.99
C GLY B 47 -9.08 -8.72 0.97
N ILE B 48 -8.36 -7.60 1.07
CA ILE B 48 -8.43 -6.51 0.11
C ILE B 48 -7.44 -6.81 -1.01
N PRO B 49 -7.87 -6.90 -2.27
CA PRO B 49 -6.93 -7.20 -3.34
C PRO B 49 -5.97 -6.05 -3.59
N LEU B 50 -4.69 -6.39 -3.73
CA LEU B 50 -3.66 -5.42 -4.13
C LEU B 50 -3.00 -5.82 -5.44
N ASN B 51 -2.58 -7.07 -5.58
CA ASN B 51 -1.84 -7.53 -6.74
C ASN B 51 -0.70 -6.57 -7.06
N ALA B 52 0.04 -6.20 -6.03
CA ALA B 52 1.03 -5.14 -6.11
C ALA B 52 2.44 -5.72 -6.16
N LYS B 53 3.32 -4.98 -6.84
CA LYS B 53 4.74 -5.28 -6.80
C LYS B 53 5.25 -5.17 -5.36
N VAL B 54 6.18 -6.05 -5.00
CA VAL B 54 6.71 -6.03 -3.64
C VAL B 54 7.63 -4.84 -3.48
N SER B 55 7.57 -4.21 -2.32
CA SER B 55 8.60 -3.28 -1.87
C SER B 55 8.60 -3.33 -0.36
N SER B 56 9.76 -3.05 0.25
CA SER B 56 9.79 -2.93 1.70
C SER B 56 8.88 -1.81 2.15
N GLU B 57 8.83 -0.73 1.37
CA GLU B 57 8.02 0.42 1.74
C GLU B 57 6.54 0.06 1.81
N LEU B 58 6.02 -0.67 0.81
CA LEU B 58 4.60 -1.01 0.84
C LEU B 58 4.30 -1.98 1.97
N LEU B 59 5.18 -2.97 2.19
CA LEU B 59 4.95 -3.88 3.31
C LEU B 59 4.85 -3.13 4.63
N ILE B 60 5.77 -2.19 4.87
CA ILE B 60 5.72 -1.39 6.09
C ILE B 60 4.42 -0.60 6.16
N ASN B 61 4.08 0.12 5.08
CA ASN B 61 2.87 0.93 5.09
C ASN B 61 1.61 0.11 5.36
N ILE B 62 1.60 -1.16 4.93
CA ILE B 62 0.43 -2.00 5.13
C ILE B 62 0.16 -2.22 6.62
N PHE B 63 1.21 -2.44 7.40
CA PHE B 63 1.05 -2.87 8.78
C PHE B 63 1.06 -1.74 9.81
N ILE B 64 1.10 -0.48 9.38
CA ILE B 64 1.08 0.61 10.35
C ILE B 64 -0.15 0.48 11.24
N PRO B 65 -0.02 0.57 12.57
CA PRO B 65 -1.20 0.37 13.43
C PRO B 65 -2.34 1.32 13.12
N ASN B 66 -3.56 0.84 13.34
CA ASN B 66 -4.78 1.65 13.26
C ASN B 66 -5.02 2.20 11.84
N THR B 67 -4.68 1.40 10.83
CA THR B 67 -4.94 1.71 9.43
C THR B 67 -5.84 0.65 8.82
N PRO B 68 -6.44 0.92 7.66
CA PRO B 68 -7.38 -0.06 7.08
C PRO B 68 -6.77 -1.43 6.82
N LEU B 69 -5.49 -1.52 6.46
CA LEU B 69 -4.93 -2.76 5.97
C LEU B 69 -4.16 -3.55 7.03
N HIS B 70 -4.02 -3.05 8.25
CA HIS B 70 -3.06 -3.64 9.17
C HIS B 70 -3.56 -4.89 9.87
N ASP B 71 -4.86 -5.10 9.96
CA ASP B 71 -5.42 -6.21 10.73
C ASP B 71 -5.71 -7.37 9.79
N GLY B 72 -5.05 -8.48 10.01
CA GLY B 72 -5.12 -9.63 9.13
C GLY B 72 -3.78 -9.87 8.45
N ALA B 73 -3.79 -10.87 7.60
CA ALA B 73 -2.55 -11.30 6.96
C ALA B 73 -2.36 -10.66 5.60
N VAL B 74 -1.12 -10.35 5.28
CA VAL B 74 -0.69 -10.12 3.92
C VAL B 74 -0.33 -11.48 3.33
N ILE B 75 -0.85 -11.78 2.14
CA ILE B 75 -0.50 -13.00 1.43
C ILE B 75 0.26 -12.61 0.16
N MET B 76 1.45 -13.18 0.02
CA MET B 76 2.30 -12.93 -1.12
C MET B 76 2.28 -14.14 -2.05
N LYS B 77 2.26 -13.87 -3.35
CA LYS B 77 2.39 -14.87 -4.39
C LYS B 77 3.63 -14.48 -5.19
N ASN B 78 4.69 -15.28 -5.06
CA ASN B 78 5.92 -15.07 -5.80
C ASN B 78 6.43 -13.67 -5.49
N ASN B 79 6.42 -12.78 -6.48
CA ASN B 79 6.97 -11.45 -6.30
C ASN B 79 5.88 -10.39 -6.23
N GLU B 80 4.70 -10.75 -5.77
CA GLU B 80 3.59 -9.80 -5.61
C GLU B 80 2.95 -9.94 -4.24
N ILE B 81 2.47 -8.81 -3.74
CA ILE B 81 1.56 -8.79 -2.59
C ILE B 81 0.17 -8.98 -3.17
N ALA B 82 -0.41 -10.17 -2.96
CA ALA B 82 -1.70 -10.47 -3.58
C ALA B 82 -2.83 -9.73 -2.88
N ALA B 83 -2.85 -9.77 -1.56
CA ALA B 83 -3.93 -9.15 -0.79
C ALA B 83 -3.45 -8.89 0.63
N ALA B 84 -4.15 -7.98 1.30
CA ALA B 84 -3.87 -7.64 2.68
C ALA B 84 -5.16 -7.78 3.49
N ALA B 85 -5.00 -7.81 4.81
CA ALA B 85 -6.13 -7.95 5.73
C ALA B 85 -6.89 -9.25 5.46
N CYS B 86 -6.15 -10.32 5.19
CA CYS B 86 -6.75 -11.61 4.89
C CYS B 86 -7.00 -12.40 6.16
N TYR B 87 -8.04 -13.23 6.12
CA TYR B 87 -8.33 -14.19 7.15
C TYR B 87 -7.44 -15.42 6.96
N LEU B 88 -6.93 -15.94 8.08
CA LEU B 88 -6.27 -17.23 8.16
C LEU B 88 -6.90 -18.01 9.30
N PRO B 89 -6.95 -19.33 9.21
CA PRO B 89 -7.55 -20.11 10.29
C PRO B 89 -6.65 -20.15 11.51
N LEU B 90 -7.26 -20.17 12.68
CA LEU B 90 -6.51 -20.20 13.94
C LEU B 90 -6.15 -21.63 14.33
N SER B 91 -4.88 -21.85 14.62
CA SER B 91 -4.44 -23.15 15.11
C SER B 91 -4.87 -23.36 16.57
N GLU B 92 -5.18 -24.60 16.89
CA GLU B 92 -5.44 -25.04 18.26
C GLU B 92 -4.26 -25.83 18.82
N SER B 93 -3.09 -25.74 18.19
CA SER B 93 -1.94 -26.51 18.64
C SER B 93 -1.57 -26.13 20.06
N PRO B 94 -1.27 -27.11 20.93
CA PRO B 94 -0.80 -26.79 22.27
C PRO B 94 0.65 -26.35 22.34
N PHE B 95 1.37 -26.34 21.21
CA PHE B 95 2.77 -25.93 21.15
C PHE B 95 2.93 -24.46 20.73
N ILE B 96 1.89 -23.66 20.85
CA ILE B 96 1.97 -22.22 20.69
C ILE B 96 2.06 -21.63 22.09
N SER B 97 3.14 -20.90 22.37
CA SER B 97 3.33 -20.30 23.69
C SER B 97 2.06 -19.58 24.11
N LYS B 98 1.65 -19.82 25.36
CA LYS B 98 0.33 -19.37 25.80
C LYS B 98 0.19 -17.85 25.76
N GLU B 99 1.29 -17.12 25.91
CA GLU B 99 1.21 -15.66 25.91
C GLU B 99 0.98 -15.06 24.54
N LEU B 100 1.13 -15.85 23.47
CA LEU B 100 1.01 -15.30 22.13
C LEU B 100 -0.44 -15.12 21.72
N GLY B 101 -0.66 -14.15 20.86
CA GLY B 101 -1.99 -13.74 20.45
C GLY B 101 -2.39 -14.30 19.10
N THR B 102 -3.36 -13.63 18.48
CA THR B 102 -4.05 -14.19 17.33
C THR B 102 -3.15 -14.26 16.10
N ARG B 103 -2.22 -13.31 15.93
CA ARG B 103 -1.37 -13.35 14.74
C ARG B 103 -0.58 -14.66 14.68
N HIS B 104 0.02 -15.07 15.81
CA HIS B 104 0.79 -16.30 15.83
C HIS B 104 -0.09 -17.53 15.65
N ARG B 105 -1.29 -17.51 16.22
CA ARG B 105 -2.19 -18.65 16.06
C ARG B 105 -2.72 -18.75 14.65
N ALA B 106 -2.95 -17.60 13.99
CA ALA B 106 -3.33 -17.61 12.58
C ALA B 106 -2.20 -18.12 11.71
N ALA B 107 -0.95 -17.73 12.01
CA ALA B 107 0.18 -18.20 11.23
C ALA B 107 0.33 -19.71 11.32
N VAL B 108 0.34 -20.25 12.54
CA VAL B 108 0.45 -21.70 12.67
C VAL B 108 -0.74 -22.36 11.99
N GLY B 109 -1.93 -21.75 12.10
CA GLY B 109 -3.12 -22.34 11.49
C GLY B 109 -3.01 -22.52 10.00
N ILE B 110 -2.55 -21.50 9.29
CA ILE B 110 -2.39 -21.65 7.84
C ILE B 110 -1.26 -22.62 7.52
N SER B 111 -0.23 -22.68 8.36
CA SER B 111 0.89 -23.59 8.16
C SER B 111 0.49 -25.06 8.35
N GLU B 112 -0.65 -25.33 8.97
CA GLU B 112 -1.13 -26.69 9.14
C GLU B 112 -1.87 -27.22 7.93
N VAL B 113 -2.30 -26.36 7.00
CA VAL B 113 -3.11 -26.81 5.86
C VAL B 113 -2.52 -26.35 4.54
N THR B 114 -1.30 -25.79 4.59
CA THR B 114 -0.57 -25.40 3.40
C THR B 114 0.91 -25.62 3.66
N ASP B 115 1.70 -25.58 2.58
CA ASP B 115 3.14 -25.58 2.68
C ASP B 115 3.72 -24.17 2.69
N SER B 116 2.91 -23.17 3.04
CA SER B 116 3.37 -21.79 3.04
C SER B 116 4.35 -21.53 4.18
N LEU B 117 5.06 -20.42 4.06
CA LEU B 117 5.92 -19.91 5.12
C LEU B 117 5.33 -18.60 5.59
N THR B 118 5.09 -18.48 6.89
CA THR B 118 4.51 -17.27 7.45
C THR B 118 5.49 -16.64 8.44
N ILE B 119 5.68 -15.34 8.32
CA ILE B 119 6.51 -14.56 9.23
C ILE B 119 5.60 -13.75 10.13
N ILE B 120 5.92 -13.72 11.42
CA ILE B 120 5.16 -12.96 12.41
C ILE B 120 6.10 -12.03 13.17
N VAL B 121 5.70 -10.77 13.31
CA VAL B 121 6.38 -9.83 14.19
C VAL B 121 5.46 -9.58 15.39
N SER B 122 5.98 -9.78 16.59
CA SER B 122 5.19 -9.56 17.79
C SER B 122 5.13 -8.07 18.14
N GLU B 123 3.91 -7.55 18.33
CA GLU B 123 3.79 -6.17 18.77
C GLU B 123 4.15 -6.02 20.24
N GLU B 124 4.27 -7.12 20.98
CA GLU B 124 4.61 -7.03 22.39
C GLU B 124 6.12 -6.92 22.57
N THR B 125 6.88 -7.79 21.90
CA THR B 125 8.30 -7.91 22.16
C THR B 125 9.17 -7.50 20.99
N GLY B 126 8.61 -7.39 19.79
CA GLY B 126 9.41 -7.22 18.59
C GLY B 126 10.03 -8.49 18.06
N GLY B 127 9.78 -9.62 18.71
CA GLY B 127 10.36 -10.87 18.27
C GLY B 127 9.79 -11.31 16.93
N VAL B 128 10.64 -11.96 16.14
CA VAL B 128 10.30 -12.45 14.81
C VAL B 128 10.22 -13.96 14.87
N SER B 129 9.14 -14.51 14.31
CA SER B 129 8.93 -15.94 14.28
C SER B 129 8.45 -16.36 12.90
N VAL B 130 8.54 -17.66 12.64
CA VAL B 130 8.12 -18.28 11.39
C VAL B 130 7.29 -19.51 11.71
N ALA B 131 6.16 -19.66 11.01
CA ALA B 131 5.33 -20.84 11.08
C ALA B 131 5.46 -21.59 9.76
N LYS B 132 5.74 -22.89 9.86
CA LYS B 132 5.90 -23.75 8.70
C LYS B 132 5.55 -25.15 9.14
N ASN B 133 4.67 -25.81 8.38
CA ASN B 133 4.31 -27.20 8.61
C ASN B 133 3.84 -27.45 10.04
N GLY B 134 3.09 -26.52 10.60
CA GLY B 134 2.50 -26.68 11.91
C GLY B 134 3.38 -26.32 13.08
N ASP B 135 4.62 -25.92 12.83
CA ASP B 135 5.58 -25.59 13.88
C ASP B 135 5.86 -24.10 13.87
N LEU B 136 5.95 -23.52 15.07
CA LEU B 136 6.36 -22.13 15.25
C LEU B 136 7.80 -22.09 15.76
N HIS B 137 8.64 -21.32 15.07
CA HIS B 137 10.04 -21.08 15.43
C HIS B 137 10.21 -19.62 15.81
N ARG B 138 10.54 -19.37 17.08
CA ARG B 138 10.49 -18.03 17.65
C ARG B 138 11.89 -17.41 17.76
N GLU B 139 11.88 -16.09 18.01
CA GLU B 139 13.06 -15.31 18.37
C GLU B 139 14.19 -15.44 17.34
N LEU B 140 13.82 -15.35 16.07
CA LEU B 140 14.79 -15.51 15.01
C LEU B 140 15.67 -14.28 14.88
N THR B 141 16.96 -14.52 14.63
CA THR B 141 17.86 -13.44 14.26
C THR B 141 17.55 -13.00 12.83
N GLU B 142 18.04 -11.82 12.49
CA GLU B 142 17.94 -11.37 11.10
C GLU B 142 18.56 -12.39 10.17
N GLU B 143 19.73 -12.91 10.55
CA GLU B 143 20.42 -13.88 9.70
C GLU B 143 19.60 -15.14 9.53
N ALA B 144 19.01 -15.64 10.62
CA ALA B 144 18.23 -16.86 10.54
C ALA B 144 17.02 -16.70 9.62
N LEU B 145 16.33 -15.56 9.72
CA LEU B 145 15.17 -15.34 8.87
C LEU B 145 15.57 -15.33 7.40
N LYS B 146 16.64 -14.62 7.07
CA LYS B 146 17.09 -14.54 5.68
C LYS B 146 17.46 -15.92 5.15
N GLU B 147 18.15 -16.72 5.97
CA GLU B 147 18.53 -18.06 5.54
C GLU B 147 17.29 -18.93 5.33
N MET B 148 16.29 -18.79 6.20
CA MET B 148 15.05 -19.55 6.01
C MET B 148 14.39 -19.17 4.70
N LEU B 149 14.34 -17.87 4.38
CA LEU B 149 13.70 -17.42 3.16
C LEU B 149 14.47 -17.91 1.93
N GLU B 150 15.79 -17.76 1.96
CA GLU B 150 16.60 -18.24 0.84
C GLU B 150 16.41 -19.73 0.63
N ALA B 151 16.35 -20.50 1.72
CA ALA B 151 16.12 -21.94 1.60
C ALA B 151 14.74 -22.24 1.04
N GLU B 152 13.76 -21.38 1.33
CA GLU B 152 12.40 -21.57 0.86
C GLU B 152 12.28 -21.35 -0.65
N PHE B 153 13.28 -20.73 -1.27
CA PHE B 153 13.26 -20.51 -2.71
C PHE B 153 14.42 -21.23 -3.38
C10 VN9 C . -15.11 15.82 2.85
C01 VN9 C . -14.77 14.40 0.73
C02 VN9 C . -13.87 14.38 -0.49
C03 VN9 C . -13.87 15.66 -1.33
C06 VN9 C . -14.50 16.93 0.79
C07 VN9 C . -14.54 18.19 1.44
C08 VN9 C . -14.85 18.23 2.80
C09 VN9 C . -15.13 17.05 3.49
C11 VN9 C . -14.79 15.77 1.46
N05 VN9 C . -14.18 16.90 -0.65
O04 VN9 C . -13.64 15.66 -2.48
C10 VN9 D . -2.40 10.28 11.50
C01 VN9 D . -0.27 9.37 12.58
C02 VN9 D . 1.21 9.62 12.81
C03 VN9 D . 1.71 11.08 12.85
C06 VN9 D . -0.59 11.82 11.97
C07 VN9 D . -1.35 12.88 11.42
C08 VN9 D . -2.63 12.63 10.91
C09 VN9 D . -3.16 11.34 10.96
C11 VN9 D . -1.09 10.54 12.00
N05 VN9 D . 0.77 12.11 12.45
O04 VN9 D . 2.80 11.35 13.21
MG MG E . 15.25 -20.14 20.24
#